data_4HE0
#
_entry.id   4HE0
#
_cell.length_a   73.853
_cell.length_b   73.853
_cell.length_c   146.749
_cell.angle_alpha   90.000
_cell.angle_beta   90.000
_cell.angle_gamma   90.000
#
_symmetry.space_group_name_H-M   'P 42 21 2'
#
loop_
_entity.id
_entity.type
_entity.pdbx_description
1 polymer 'Fructose-1,6-bisphosphatase isozyme 2'
2 non-polymer 'PHOSPHATE ION'
3 non-polymer 'MAGNESIUM ION'
4 non-polymer 'CHLORIDE ION'
5 water water
#
_entity_poly.entity_id   1
_entity_poly.type   'polypeptide(L)'
_entity_poly.pdbx_seq_one_letter_code
;TDRSPFETDMLTLTRYVMEKGRQAKGTGELTQLLNSMLTAIKAISSAVRKAGLAHLYGIAGSVNVTGDEVKKLDVLSNSL
VINMLQSSYSTCVLVSEENKDAIITAKEKRGKYVVCFDPLDGSSNIDCLASIGTIFAIYRKTSEDEPSEKDALQCGRNIV
AAGYALYGSATLVALSTGQGVDLFMLDPALGEFVLVEKDVKIKKKGKIYSLNEGYAKYFDAATTEYVQKKKFPEDGSAPY
GARYVGSMVADVHRTLVYGGIFLYPANQKSPKGKLRLLYECNPVAYIIEQAGGLATTGTQPVLDVKPEAIHQRVPLILGS
PEDVQEYLTCVQKNQAGS
;
_entity_poly.pdbx_strand_id   A
#
loop_
_chem_comp.id
_chem_comp.type
_chem_comp.name
_chem_comp.formula
CL non-polymer 'CHLORIDE ION' 'Cl -1'
MG non-polymer 'MAGNESIUM ION' 'Mg 2'
PO4 non-polymer 'PHOSPHATE ION' 'O4 P -3'
#
# COMPACT_ATOMS: atom_id res chain seq x y z
N GLU A 7 -1.71 -17.71 -27.55
CA GLU A 7 -1.93 -17.89 -26.08
C GLU A 7 -3.31 -18.51 -25.84
N THR A 8 -3.34 -19.78 -25.45
CA THR A 8 -4.60 -20.54 -25.25
C THR A 8 -4.82 -21.11 -23.84
N ASP A 9 -3.98 -20.74 -22.89
CA ASP A 9 -4.03 -21.27 -21.53
C ASP A 9 -3.54 -20.21 -20.54
N MET A 10 -4.25 -19.07 -20.47
CA MET A 10 -3.79 -17.96 -19.64
C MET A 10 -4.14 -18.10 -18.17
N LEU A 11 -3.13 -17.91 -17.34
CA LEU A 11 -3.26 -17.98 -15.90
C LEU A 11 -3.76 -16.64 -15.38
N THR A 12 -5.08 -16.49 -15.33
CA THR A 12 -5.67 -15.25 -14.83
C THR A 12 -5.53 -15.24 -13.32
N LEU A 13 -5.56 -14.04 -12.75
CA LEU A 13 -5.62 -13.90 -11.31
C LEU A 13 -6.57 -14.91 -10.69
N THR A 14 -7.85 -14.80 -11.04
CA THR A 14 -8.91 -15.59 -10.43
C THR A 14 -8.52 -17.05 -10.39
N ARG A 15 -8.09 -17.57 -11.55
CA ARG A 15 -7.72 -18.97 -11.69
C ARG A 15 -6.54 -19.37 -10.81
N TYR A 16 -5.56 -18.50 -10.68
CA TYR A 16 -4.39 -18.78 -9.84
C TYR A 16 -4.78 -18.81 -8.36
N VAL A 17 -5.59 -17.84 -7.93
CA VAL A 17 -6.10 -17.81 -6.56
C VAL A 17 -6.97 -19.05 -6.25
N MET A 18 -7.81 -19.44 -7.21
CA MET A 18 -8.67 -20.63 -7.06
C MET A 18 -7.85 -21.89 -6.94
N GLU A 19 -6.82 -22.01 -7.76
CA GLU A 19 -6.02 -23.24 -7.85
C GLU A 19 -4.98 -23.41 -6.71
N LYS A 20 -4.48 -22.28 -6.19
CA LYS A 20 -3.63 -22.28 -4.98
C LYS A 20 -4.47 -22.42 -3.68
N GLY A 21 -5.57 -21.67 -3.60
CA GLY A 21 -6.45 -21.66 -2.43
C GLY A 21 -7.24 -22.94 -2.18
N ARG A 22 -6.84 -24.02 -2.86
CA ARG A 22 -7.54 -25.31 -2.80
C ARG A 22 -7.35 -25.97 -1.43
N GLN A 23 -8.00 -25.37 -0.43
CA GLN A 23 -7.83 -25.71 0.98
C GLN A 23 -8.91 -25.06 1.84
N THR A 27 -11.85 -21.74 0.68
CA THR A 27 -12.42 -20.39 0.74
C THR A 27 -12.66 -19.70 -0.62
N GLY A 28 -13.95 -19.52 -0.94
CA GLY A 28 -14.41 -18.72 -2.08
C GLY A 28 -14.73 -17.28 -1.70
N GLU A 29 -15.45 -17.07 -0.59
CA GLU A 29 -15.91 -15.72 -0.20
C GLU A 29 -14.81 -14.66 -0.26
N LEU A 30 -13.57 -15.08 0.02
CA LEU A 30 -12.43 -14.19 -0.09
C LEU A 30 -12.18 -13.86 -1.55
N THR A 31 -12.29 -14.87 -2.40
CA THR A 31 -12.02 -14.70 -3.82
C THR A 31 -13.08 -13.84 -4.55
N GLN A 32 -14.29 -13.78 -4.00
CA GLN A 32 -15.36 -12.93 -4.53
C GLN A 32 -15.15 -11.46 -4.16
N LEU A 33 -14.68 -11.24 -2.93
CA LEU A 33 -14.28 -9.91 -2.45
C LEU A 33 -13.17 -9.33 -3.33
N LEU A 34 -12.23 -10.20 -3.72
CA LEU A 34 -11.10 -9.82 -4.53
C LEU A 34 -11.54 -9.48 -5.93
N ASN A 35 -12.44 -10.29 -6.47
CA ASN A 35 -12.92 -10.04 -7.83
C ASN A 35 -13.63 -8.70 -7.97
N SER A 36 -14.27 -8.26 -6.89
CA SER A 36 -14.90 -6.95 -6.82
C SER A 36 -13.87 -5.83 -6.76
N MET A 37 -12.82 -6.06 -5.98
CA MET A 37 -11.73 -5.12 -5.87
C MET A 37 -11.09 -4.94 -7.25
N LEU A 38 -10.87 -6.06 -7.94
CA LEU A 38 -10.19 -6.02 -9.22
C LEU A 38 -11.02 -5.29 -10.25
N THR A 39 -12.34 -5.48 -10.19
CA THR A 39 -13.23 -4.71 -11.04
C THR A 39 -13.06 -3.20 -10.80
N ALA A 40 -13.04 -2.81 -9.53
CA ALA A 40 -12.81 -1.41 -9.20
C ALA A 40 -11.48 -0.91 -9.77
N ILE A 41 -10.43 -1.73 -9.61
CA ILE A 41 -9.09 -1.40 -10.07
C ILE A 41 -9.01 -1.21 -11.60
N LYS A 42 -9.69 -2.11 -12.31
CA LYS A 42 -9.86 -2.02 -13.73
C LYS A 42 -10.53 -0.72 -14.14
N ALA A 43 -11.64 -0.37 -13.47
CA ALA A 43 -12.37 0.86 -13.75
C ALA A 43 -11.50 2.11 -13.50
N ILE A 44 -10.83 2.12 -12.34
CA ILE A 44 -9.89 3.19 -11.99
C ILE A 44 -8.79 3.32 -13.03
N SER A 45 -8.19 2.20 -13.42
CA SER A 45 -7.08 2.20 -14.35
C SER A 45 -7.48 2.84 -15.66
N SER A 46 -8.70 2.54 -16.10
CA SER A 46 -9.21 3.08 -17.34
C SER A 46 -9.44 4.59 -17.23
N ALA A 47 -10.02 5.03 -16.11
CA ALA A 47 -10.20 6.46 -15.85
C ALA A 47 -8.87 7.25 -15.79
N VAL A 48 -7.91 6.73 -15.02
CA VAL A 48 -6.57 7.31 -14.95
C VAL A 48 -5.95 7.55 -16.34
N ARG A 49 -6.19 6.61 -17.24
CA ARG A 49 -5.48 6.49 -18.51
C ARG A 49 -6.01 7.48 -19.57
N LYS A 50 -7.20 8.03 -19.32
CA LYS A 50 -7.77 9.08 -20.13
C LYS A 50 -8.23 10.25 -19.23
N ALA A 51 -7.41 10.56 -18.23
CA ALA A 51 -7.80 11.50 -17.19
C ALA A 51 -7.85 12.92 -17.69
N GLY A 52 -6.89 13.28 -18.54
CA GLY A 52 -6.80 14.63 -19.08
C GLY A 52 -7.88 14.94 -20.09
N LEU A 53 -8.27 13.92 -20.84
CA LEU A 53 -9.29 14.03 -21.89
C LEU A 53 -10.70 14.11 -21.33
N ALA A 54 -10.98 13.26 -20.34
CA ALA A 54 -12.21 13.33 -19.57
C ALA A 54 -12.15 14.46 -18.51
N HIS A 55 -11.40 15.52 -18.82
CA HIS A 55 -11.22 16.71 -17.94
C HIS A 55 -11.25 16.40 -16.42
N LEU A 56 -10.35 15.52 -15.96
CA LEU A 56 -10.35 14.97 -14.57
C LEU A 56 -9.19 15.40 -13.62
N TYR A 57 -8.32 16.31 -14.08
CA TYR A 57 -7.26 16.90 -13.23
C TYR A 57 -7.82 18.04 -12.36
N GLY A 58 -6.96 18.66 -11.55
CA GLY A 58 -7.36 19.79 -10.74
C GLY A 58 -8.16 19.40 -9.51
N ILE A 59 -8.54 20.41 -8.72
CA ILE A 59 -9.14 20.22 -7.39
C ILE A 59 -10.55 19.61 -7.44
N ALA A 60 -11.02 19.12 -6.29
CA ALA A 60 -12.42 18.71 -6.06
C ALA A 60 -13.22 19.73 -5.23
N GLY A 61 -12.57 20.44 -4.32
CA GLY A 61 -13.22 21.51 -3.56
C GLY A 61 -13.52 21.14 -2.12
N SER A 62 -12.59 20.41 -1.51
CA SER A 62 -12.64 20.05 -0.09
C SER A 62 -11.32 19.43 0.40
N VAL A 63 -11.24 19.25 1.72
CA VAL A 63 -10.06 18.72 2.39
C VAL A 63 -10.53 17.45 3.11
N ASN A 64 -9.70 16.40 3.12
CA ASN A 64 -10.00 15.19 3.94
C ASN A 64 -9.49 15.30 5.41
N VAL A 65 -9.88 14.35 6.27
CA VAL A 65 -9.60 14.45 7.72
C VAL A 65 -8.12 14.25 8.10
N THR A 66 -7.27 14.19 7.07
CA THR A 66 -5.83 14.03 7.22
C THR A 66 -5.09 15.30 6.72
N GLY A 67 -5.85 16.22 6.13
CA GLY A 67 -5.31 17.50 5.65
C GLY A 67 -4.94 17.53 4.17
N ASP A 68 -5.47 16.60 3.39
CA ASP A 68 -5.13 16.46 1.96
C ASP A 68 -6.16 17.10 1.02
N GLU A 69 -5.70 18.05 0.20
CA GLU A 69 -6.51 18.70 -0.82
C GLU A 69 -6.95 17.65 -1.85
N VAL A 70 -8.24 17.27 -1.83
CA VAL A 70 -8.74 16.16 -2.67
C VAL A 70 -8.90 16.49 -4.16
N LYS A 71 -8.57 15.51 -5.01
CA LYS A 71 -8.72 15.62 -6.48
C LYS A 71 -10.04 14.96 -6.96
N LYS A 72 -10.39 15.21 -8.22
CA LYS A 72 -11.65 14.70 -8.81
C LYS A 72 -11.64 13.17 -8.92
N LEU A 73 -10.43 12.65 -9.08
CA LEU A 73 -10.21 11.22 -9.14
C LEU A 73 -10.39 10.56 -7.78
N ASP A 74 -9.78 11.14 -6.73
CA ASP A 74 -9.98 10.71 -5.35
C ASP A 74 -11.45 10.34 -5.09
N VAL A 75 -12.35 11.26 -5.40
CA VAL A 75 -13.79 11.08 -5.25
C VAL A 75 -14.34 9.93 -6.11
N LEU A 76 -14.01 9.96 -7.41
CA LEU A 76 -14.44 8.91 -8.35
C LEU A 76 -13.98 7.50 -7.97
N SER A 77 -12.67 7.33 -7.76
CA SER A 77 -12.16 6.03 -7.42
C SER A 77 -12.67 5.54 -6.04
N ASN A 78 -13.00 6.46 -5.15
CA ASN A 78 -13.56 6.11 -3.85
C ASN A 78 -14.93 5.42 -3.95
N SER A 79 -15.81 5.97 -4.80
CA SER A 79 -17.16 5.40 -4.99
C SER A 79 -17.09 4.09 -5.71
N LEU A 80 -16.25 4.03 -6.73
CA LEU A 80 -15.99 2.77 -7.40
C LEU A 80 -15.64 1.70 -6.38
N VAL A 81 -14.63 1.94 -5.54
CA VAL A 81 -14.22 0.94 -4.58
C VAL A 81 -15.38 0.61 -3.61
N ILE A 82 -16.02 1.64 -3.01
CA ILE A 82 -17.13 1.43 -2.06
C ILE A 82 -18.28 0.65 -2.68
N ASN A 83 -18.81 1.13 -3.80
CA ASN A 83 -19.89 0.41 -4.46
C ASN A 83 -19.54 -1.02 -4.82
N MET A 84 -18.37 -1.21 -5.40
CA MET A 84 -17.92 -2.55 -5.76
C MET A 84 -17.78 -3.48 -4.55
N LEU A 85 -17.11 -3.00 -3.51
CA LEU A 85 -16.88 -3.83 -2.33
C LEU A 85 -18.19 -4.18 -1.61
N GLN A 86 -19.01 -3.18 -1.37
CA GLN A 86 -20.31 -3.42 -0.76
C GLN A 86 -21.10 -4.45 -1.58
N SER A 87 -21.10 -4.31 -2.90
CA SER A 87 -21.90 -5.20 -3.76
C SER A 87 -21.46 -6.68 -3.74
N SER A 88 -20.29 -6.97 -3.15
CA SER A 88 -19.73 -8.33 -3.15
C SER A 88 -20.47 -9.25 -2.19
N TYR A 89 -21.25 -8.66 -1.29
CA TYR A 89 -21.96 -9.40 -0.22
C TYR A 89 -20.96 -10.04 0.75
N SER A 90 -19.77 -9.44 0.86
CA SER A 90 -18.64 -10.03 1.54
C SER A 90 -18.06 -9.13 2.61
N THR A 91 -18.57 -7.91 2.72
CA THR A 91 -18.01 -6.95 3.68
C THR A 91 -18.97 -6.56 4.77
N CYS A 92 -18.43 -6.10 5.89
CA CYS A 92 -19.24 -5.51 6.95
C CYS A 92 -18.80 -4.09 7.29
N VAL A 93 -17.49 -3.84 7.17
CA VAL A 93 -16.89 -2.54 7.53
C VAL A 93 -15.77 -2.12 6.54
N LEU A 94 -15.89 -0.92 5.99
CA LEU A 94 -14.81 -0.35 5.18
C LEU A 94 -14.17 0.87 5.85
N VAL A 95 -12.87 1.00 5.77
CA VAL A 95 -12.23 2.28 6.07
C VAL A 95 -11.53 2.85 4.83
N SER A 96 -11.74 4.15 4.61
CA SER A 96 -11.18 4.83 3.43
C SER A 96 -10.48 6.10 3.84
N GLU A 97 -9.40 6.40 3.13
CA GLU A 97 -8.70 7.67 3.32
C GLU A 97 -9.65 8.83 3.13
N GLU A 98 -10.64 8.64 2.25
CA GLU A 98 -11.49 9.74 1.84
C GLU A 98 -12.75 9.97 2.71
N ASN A 99 -13.06 9.04 3.62
CA ASN A 99 -14.21 9.18 4.50
C ASN A 99 -13.83 9.34 5.96
N LYS A 100 -14.49 10.27 6.64
CA LYS A 100 -14.17 10.61 8.01
C LYS A 100 -14.35 9.38 8.92
N ASP A 101 -15.52 8.74 8.87
CA ASP A 101 -15.81 7.61 9.74
C ASP A 101 -15.84 6.30 8.95
N ALA A 102 -15.86 5.20 9.67
CA ALA A 102 -16.02 3.89 9.08
C ALA A 102 -17.40 3.77 8.44
N ILE A 103 -17.45 3.09 7.31
CA ILE A 103 -18.68 2.86 6.55
C ILE A 103 -19.16 1.48 6.89
N ILE A 104 -20.26 1.40 7.63
CA ILE A 104 -20.84 0.12 7.99
C ILE A 104 -21.64 -0.33 6.78
N THR A 105 -21.44 -1.57 6.34
CA THR A 105 -22.26 -2.12 5.27
C THR A 105 -23.73 -2.23 5.74
N ALA A 106 -24.66 -1.99 4.81
CA ALA A 106 -26.07 -2.20 5.07
C ALA A 106 -26.30 -3.66 5.40
N LYS A 107 -27.16 -3.93 6.40
CA LYS A 107 -27.39 -5.31 6.90
C LYS A 107 -27.66 -6.39 5.82
N GLU A 108 -28.47 -6.05 4.82
CA GLU A 108 -28.88 -6.99 3.75
C GLU A 108 -27.76 -7.38 2.79
N LYS A 109 -26.63 -6.68 2.89
CA LYS A 109 -25.45 -7.01 2.10
C LYS A 109 -24.25 -7.44 2.97
N ARG A 110 -24.48 -7.57 4.27
CA ARG A 110 -23.43 -7.80 5.25
C ARG A 110 -22.69 -9.13 5.03
N GLY A 111 -21.35 -9.08 5.06
CA GLY A 111 -20.47 -10.25 4.99
C GLY A 111 -19.49 -10.24 6.15
N LYS A 112 -18.44 -11.07 6.11
CA LYS A 112 -17.56 -11.15 7.27
C LYS A 112 -16.28 -10.29 7.26
N TYR A 113 -15.96 -9.67 6.13
CA TYR A 113 -14.67 -9.00 5.96
C TYR A 113 -14.66 -7.51 6.16
N VAL A 114 -13.50 -7.05 6.62
CA VAL A 114 -13.22 -5.66 6.82
C VAL A 114 -12.17 -5.29 5.80
N VAL A 115 -12.36 -4.18 5.08
CA VAL A 115 -11.36 -3.68 4.14
C VAL A 115 -10.92 -2.24 4.48
N CYS A 116 -9.61 -2.04 4.53
CA CYS A 116 -9.05 -0.70 4.67
C CYS A 116 -8.37 -0.36 3.36
N PHE A 117 -8.71 0.77 2.78
CA PHE A 117 -8.15 1.09 1.45
C PHE A 117 -7.86 2.55 1.25
N ASP A 118 -6.90 2.79 0.36
CA ASP A 118 -6.57 4.11 -0.13
C ASP A 118 -6.94 4.04 -1.59
N PRO A 119 -8.07 4.68 -1.98
CA PRO A 119 -8.63 4.47 -3.33
C PRO A 119 -7.76 5.07 -4.43
N LEU A 120 -7.03 6.13 -4.12
CA LEU A 120 -6.00 6.61 -5.04
C LEU A 120 -4.86 7.28 -4.31
N ASP A 121 -3.69 6.68 -4.41
CA ASP A 121 -2.51 7.15 -3.73
C ASP A 121 -1.58 7.87 -4.71
N GLY A 122 -0.90 8.90 -4.22
CA GLY A 122 0.02 9.70 -5.03
C GLY A 122 -0.71 10.81 -5.78
N SER A 123 -1.67 11.42 -5.11
CA SER A 123 -2.58 12.41 -5.72
C SER A 123 -1.91 13.69 -6.23
N SER A 124 -0.84 14.10 -5.53
CA SER A 124 -0.03 15.28 -5.92
C SER A 124 0.78 15.02 -7.19
N ASN A 125 0.70 13.79 -7.70
CA ASN A 125 1.49 13.35 -8.85
C ASN A 125 0.62 12.95 -10.06
N ILE A 126 -0.70 13.17 -9.93
CA ILE A 126 -1.65 12.88 -11.01
C ILE A 126 -1.37 13.78 -12.23
N ASP A 127 -1.26 15.09 -11.98
CA ASP A 127 -1.09 16.09 -13.04
C ASP A 127 0.18 15.92 -13.90
N CYS A 128 1.23 15.32 -13.32
CA CYS A 128 2.50 15.16 -14.02
C CYS A 128 2.66 13.73 -14.51
N LEU A 129 1.57 12.97 -14.44
CA LEU A 129 1.46 11.60 -14.99
C LEU A 129 2.43 10.59 -14.42
N ALA A 130 2.95 10.87 -13.23
CA ALA A 130 3.73 9.87 -12.51
C ALA A 130 2.81 8.71 -12.11
N SER A 131 3.43 7.58 -11.75
CA SER A 131 2.73 6.40 -11.34
C SER A 131 1.93 6.72 -10.13
N ILE A 132 0.75 6.11 -10.04
CA ILE A 132 -0.10 6.27 -8.87
C ILE A 132 -0.79 4.92 -8.65
N GLY A 133 -1.51 4.75 -7.53
CA GLY A 133 -2.03 3.43 -7.19
C GLY A 133 -3.20 3.36 -6.24
N THR A 134 -3.56 2.16 -5.87
CA THR A 134 -4.70 1.89 -4.99
C THR A 134 -4.18 0.89 -3.98
N ILE A 135 -4.46 1.11 -2.72
CA ILE A 135 -3.84 0.28 -1.68
C ILE A 135 -4.89 -0.34 -0.79
N PHE A 136 -4.75 -1.62 -0.45
CA PHE A 136 -5.81 -2.28 0.32
C PHE A 136 -5.31 -3.37 1.23
N ALA A 137 -5.98 -3.49 2.37
CA ALA A 137 -5.75 -4.56 3.34
C ALA A 137 -7.10 -5.13 3.75
N ILE A 138 -7.19 -6.46 3.76
CA ILE A 138 -8.41 -7.14 4.14
C ILE A 138 -8.23 -7.92 5.43
N TYR A 139 -9.14 -7.67 6.38
CA TYR A 139 -9.20 -8.45 7.64
C TYR A 139 -10.50 -9.22 7.73
N ARG A 140 -10.51 -10.16 8.67
CA ARG A 140 -11.70 -10.93 9.03
C ARG A 140 -12.27 -10.32 10.31
N LYS A 141 -13.57 -10.01 10.35
CA LYS A 141 -14.21 -9.56 11.60
C LYS A 141 -14.21 -10.71 12.59
N THR A 142 -13.66 -10.47 13.78
CA THR A 142 -13.49 -11.53 14.76
C THR A 142 -14.35 -11.30 16.00
N SER A 143 -14.60 -10.03 16.33
CA SER A 143 -15.40 -9.64 17.48
C SER A 143 -16.89 -9.98 17.25
N GLU A 144 -17.66 -10.05 18.33
CA GLU A 144 -19.08 -10.47 18.23
C GLU A 144 -20.09 -9.32 18.18
N ASP A 145 -19.68 -8.11 18.55
CA ASP A 145 -20.59 -6.95 18.63
C ASP A 145 -21.05 -6.44 17.27
N GLU A 146 -21.81 -5.35 17.29
CA GLU A 146 -22.26 -4.69 16.07
C GLU A 146 -21.03 -4.20 15.28
N PRO A 147 -21.03 -4.45 13.95
CA PRO A 147 -20.01 -3.89 13.08
C PRO A 147 -19.76 -2.41 13.39
N SER A 148 -18.53 -2.07 13.77
CA SER A 148 -18.16 -0.66 14.01
C SER A 148 -16.73 -0.43 13.57
N GLU A 149 -16.28 0.82 13.72
CA GLU A 149 -14.91 1.21 13.37
C GLU A 149 -13.88 0.35 14.08
N LYS A 150 -14.26 -0.23 15.21
CA LYS A 150 -13.36 -0.97 16.09
C LYS A 150 -12.92 -2.29 15.47
N ASP A 151 -13.76 -2.80 14.58
CA ASP A 151 -13.44 -3.99 13.82
C ASP A 151 -12.32 -3.76 12.81
N ALA A 152 -12.04 -2.49 12.51
CA ALA A 152 -11.04 -2.09 11.52
C ALA A 152 -9.73 -1.77 12.20
N LEU A 153 -9.69 -1.96 13.51
CA LEU A 153 -8.54 -1.56 14.29
C LEU A 153 -7.67 -2.74 14.67
N GLN A 154 -7.71 -3.80 13.88
CA GLN A 154 -6.83 -4.96 14.14
C GLN A 154 -5.37 -4.67 13.83
N CYS A 155 -4.44 -5.42 14.41
CA CYS A 155 -3.03 -5.29 14.01
C CYS A 155 -2.88 -5.84 12.61
N GLY A 156 -2.09 -5.16 11.78
CA GLY A 156 -1.79 -5.66 10.44
C GLY A 156 -1.26 -7.09 10.43
N ARG A 157 -0.79 -7.55 11.59
CA ARG A 157 -0.41 -8.95 11.77
C ARG A 157 -1.57 -9.91 11.49
N ASN A 158 -2.80 -9.39 11.55
CA ASN A 158 -4.03 -10.17 11.36
C ASN A 158 -4.65 -10.04 9.96
N ILE A 159 -3.92 -9.44 9.01
CA ILE A 159 -4.36 -9.29 7.62
C ILE A 159 -4.62 -10.66 6.99
N VAL A 160 -5.74 -10.81 6.29
CA VAL A 160 -6.01 -12.05 5.55
C VAL A 160 -5.50 -12.02 4.10
N ALA A 161 -5.49 -10.83 3.51
CA ALA A 161 -4.98 -10.61 2.15
C ALA A 161 -4.74 -9.13 2.02
N ALA A 162 -3.75 -8.78 1.24
CA ALA A 162 -3.41 -7.36 1.07
C ALA A 162 -2.57 -7.17 -0.18
N GLY A 163 -2.59 -5.95 -0.72
CA GLY A 163 -1.81 -5.66 -1.91
C GLY A 163 -2.07 -4.26 -2.42
N TYR A 164 -1.67 -4.01 -3.66
CA TYR A 164 -1.82 -2.70 -4.27
C TYR A 164 -1.91 -2.82 -5.79
N ALA A 165 -2.54 -1.83 -6.41
CA ALA A 165 -2.50 -1.68 -7.86
C ALA A 165 -1.59 -0.50 -8.16
N LEU A 166 -0.78 -0.66 -9.19
CA LEU A 166 0.09 0.44 -9.60
C LEU A 166 -0.31 0.82 -11.02
N TYR A 167 -0.77 2.05 -11.20
CA TYR A 167 -1.17 2.50 -12.54
C TYR A 167 0.01 3.22 -13.09
N GLY A 168 0.94 2.47 -13.69
CA GLY A 168 2.17 3.06 -14.21
C GLY A 168 2.23 2.96 -15.72
N SER A 169 3.42 2.64 -16.24
CA SER A 169 3.63 2.46 -17.69
C SER A 169 2.78 1.30 -18.13
N ALA A 170 2.54 0.39 -17.18
CA ALA A 170 1.56 -0.69 -17.29
C ALA A 170 0.82 -0.82 -15.95
N THR A 171 -0.32 -1.49 -15.95
CA THR A 171 -1.08 -1.65 -14.73
C THR A 171 -0.77 -2.99 -14.08
N LEU A 172 -0.37 -2.94 -12.82
CA LEU A 172 0.06 -4.13 -12.10
C LEU A 172 -0.61 -4.25 -10.73
N VAL A 173 -0.95 -5.47 -10.34
CA VAL A 173 -1.39 -5.75 -8.97
C VAL A 173 -0.34 -6.63 -8.30
N ALA A 174 0.07 -6.23 -7.10
CA ALA A 174 0.81 -7.11 -6.22
C ALA A 174 -0.16 -7.58 -5.16
N LEU A 175 -0.21 -8.88 -4.94
CA LEU A 175 -1.15 -9.47 -3.98
C LEU A 175 -0.52 -10.57 -3.15
N SER A 176 -0.91 -10.62 -1.88
CA SER A 176 -0.57 -11.74 -1.00
C SER A 176 -1.79 -12.12 -0.17
N THR A 177 -2.02 -13.43 -0.04
CA THR A 177 -3.03 -13.98 0.90
C THR A 177 -2.39 -14.83 1.98
N GLY A 178 -1.10 -14.62 2.23
CA GLY A 178 -0.41 -15.30 3.30
C GLY A 178 0.70 -16.25 2.86
N GLN A 179 0.77 -16.56 1.56
CA GLN A 179 1.72 -17.55 1.04
C GLN A 179 2.76 -16.95 0.06
N GLY A 180 3.18 -15.72 0.33
CA GLY A 180 4.07 -15.00 -0.56
C GLY A 180 3.35 -13.96 -1.42
N VAL A 181 4.15 -13.22 -2.18
CA VAL A 181 3.67 -12.16 -3.04
C VAL A 181 3.63 -12.68 -4.48
N ASP A 182 2.53 -12.38 -5.17
CA ASP A 182 2.38 -12.68 -6.58
C ASP A 182 2.08 -11.39 -7.31
N LEU A 183 2.71 -11.20 -8.48
CA LEU A 183 2.49 -10.05 -9.33
C LEU A 183 1.63 -10.38 -10.54
N PHE A 184 0.56 -9.62 -10.72
CA PHE A 184 -0.37 -9.76 -11.85
C PHE A 184 -0.34 -8.51 -12.71
N MET A 185 -0.63 -8.66 -14.00
CA MET A 185 -0.71 -7.50 -14.86
C MET A 185 -1.95 -7.46 -15.71
N LEU A 186 -2.45 -6.25 -15.93
CA LEU A 186 -3.65 -6.05 -16.74
C LEU A 186 -3.29 -6.32 -18.18
N ASP A 187 -4.01 -7.28 -18.76
CA ASP A 187 -3.95 -7.53 -20.20
C ASP A 187 -5.09 -6.76 -20.88
N PRO A 188 -4.73 -5.74 -21.69
CA PRO A 188 -5.74 -4.84 -22.26
C PRO A 188 -6.60 -5.58 -23.27
N ALA A 189 -5.98 -6.53 -23.98
CA ALA A 189 -6.68 -7.37 -24.93
C ALA A 189 -7.81 -8.18 -24.27
N LEU A 190 -7.53 -8.69 -23.08
CA LEU A 190 -8.37 -9.69 -22.45
C LEU A 190 -9.13 -9.11 -21.25
N GLY A 191 -8.85 -7.85 -20.91
CA GLY A 191 -9.52 -7.19 -19.79
C GLY A 191 -9.41 -7.92 -18.46
N GLU A 192 -8.30 -8.62 -18.23
CA GLU A 192 -8.14 -9.32 -16.97
C GLU A 192 -6.72 -9.26 -16.46
N PHE A 193 -6.53 -9.62 -15.18
CA PHE A 193 -5.20 -9.66 -14.63
C PHE A 193 -4.57 -11.04 -14.81
N VAL A 194 -3.35 -11.06 -15.30
CA VAL A 194 -2.67 -12.32 -15.59
C VAL A 194 -1.37 -12.35 -14.82
N LEU A 195 -1.04 -13.49 -14.23
CA LEU A 195 0.16 -13.67 -13.41
C LEU A 195 1.46 -13.44 -14.17
N VAL A 196 2.34 -12.57 -13.69
CA VAL A 196 3.63 -12.43 -14.38
C VAL A 196 4.86 -12.88 -13.59
N GLU A 197 4.77 -12.81 -12.26
CA GLU A 197 5.83 -13.23 -11.36
CA GLU A 197 5.83 -13.26 -11.37
C GLU A 197 5.18 -13.89 -10.15
N LYS A 198 5.61 -15.10 -9.80
CA LYS A 198 5.07 -15.78 -8.62
C LYS A 198 6.08 -15.88 -7.47
N ASP A 199 5.64 -15.57 -6.24
CA ASP A 199 6.49 -15.70 -5.05
C ASP A 199 7.74 -14.82 -5.15
N VAL A 200 7.54 -13.52 -5.33
CA VAL A 200 8.67 -12.59 -5.42
C VAL A 200 9.30 -12.40 -4.04
N LYS A 201 10.62 -12.34 -4.03
CA LYS A 201 11.38 -12.20 -2.81
C LYS A 201 12.30 -11.03 -3.05
N ILE A 202 12.32 -10.12 -2.09
CA ILE A 202 13.17 -8.93 -2.13
C ILE A 202 14.64 -9.32 -1.88
N LYS A 203 15.54 -8.62 -2.55
CA LYS A 203 16.99 -8.79 -2.35
C LYS A 203 17.34 -8.59 -0.88
N LYS A 204 18.26 -9.39 -0.35
CA LYS A 204 18.61 -9.26 1.05
C LYS A 204 19.14 -7.85 1.32
N LYS A 205 19.86 -7.28 0.34
CA LYS A 205 20.47 -5.95 0.45
C LYS A 205 20.44 -5.26 -0.91
N GLY A 206 20.12 -3.96 -0.91
CA GLY A 206 19.89 -3.22 -2.16
C GLY A 206 20.89 -2.13 -2.39
N LYS A 207 20.65 -1.28 -3.38
CA LYS A 207 21.62 -0.23 -3.73
C LYS A 207 20.96 1.12 -3.94
N ILE A 208 19.70 1.21 -3.51
CA ILE A 208 18.88 2.43 -3.67
C ILE A 208 18.20 2.86 -2.37
N TYR A 209 18.34 4.14 -2.05
CA TYR A 209 17.65 4.73 -0.90
C TYR A 209 16.64 5.72 -1.41
N SER A 210 15.51 5.78 -0.74
CA SER A 210 14.37 6.53 -1.22
C SER A 210 13.70 7.27 -0.08
N LEU A 211 13.76 8.61 -0.11
CA LEU A 211 13.00 9.47 0.83
C LEU A 211 12.94 10.90 0.29
N ASN A 212 11.92 11.66 0.75
CA ASN A 212 11.89 13.09 0.47
C ASN A 212 13.02 13.71 1.27
N GLU A 213 14.12 14.01 0.57
CA GLU A 213 15.31 14.54 1.21
C GLU A 213 15.19 16.02 1.49
N GLY A 214 14.06 16.61 1.09
CA GLY A 214 13.83 18.03 1.25
C GLY A 214 13.39 18.35 2.65
N TYR A 215 13.20 17.30 3.45
CA TYR A 215 12.90 17.44 4.86
C TYR A 215 14.16 17.27 5.69
N ALA A 216 15.32 17.29 5.03
CA ALA A 216 16.60 17.07 5.72
C ALA A 216 16.68 17.89 7.01
N LYS A 217 16.29 19.16 6.91
CA LYS A 217 16.37 20.12 7.99
C LYS A 217 15.56 19.66 9.22
N TYR A 218 14.66 18.70 9.01
CA TYR A 218 13.71 18.29 10.06
C TYR A 218 13.84 16.83 10.50
N PHE A 219 14.77 16.09 9.90
CA PHE A 219 15.03 14.72 10.32
C PHE A 219 15.58 14.69 11.72
N ASP A 220 15.30 13.59 12.41
CA ASP A 220 15.96 13.29 13.67
C ASP A 220 17.37 12.77 13.35
N ALA A 221 18.23 12.76 14.34
CA ALA A 221 19.61 12.36 14.18
C ALA A 221 19.77 10.98 13.55
N ALA A 222 18.96 10.01 13.96
CA ALA A 222 19.07 8.65 13.39
C ALA A 222 18.93 8.65 11.86
N THR A 223 17.94 9.38 11.35
CA THR A 223 17.72 9.46 9.91
C THR A 223 18.87 10.16 9.21
N THR A 224 19.36 11.26 9.80
CA THR A 224 20.41 12.10 9.24
C THR A 224 21.67 11.27 9.04
N GLU A 225 21.92 10.42 10.03
CA GLU A 225 23.11 9.59 10.09
C GLU A 225 23.06 8.48 9.04
N TYR A 226 21.92 7.79 8.96
CA TYR A 226 21.73 6.70 8.01
C TYR A 226 21.93 7.22 6.59
N VAL A 227 21.35 8.36 6.28
CA VAL A 227 21.44 8.95 4.94
C VAL A 227 22.90 9.30 4.57
N GLN A 228 23.64 9.86 5.53
CA GLN A 228 25.08 10.13 5.42
C GLN A 228 25.85 8.85 5.02
N LYS A 229 25.46 7.71 5.59
CA LYS A 229 26.09 6.43 5.26
C LYS A 229 25.75 5.94 3.87
N LYS A 230 24.60 6.37 3.33
CA LYS A 230 24.21 5.97 1.99
C LYS A 230 24.98 6.75 0.94
N LYS A 231 25.24 8.02 1.23
CA LYS A 231 25.88 8.91 0.27
C LYS A 231 27.38 8.98 0.49
N PHE A 232 27.80 8.85 1.74
CA PHE A 232 29.22 8.91 2.11
C PHE A 232 29.65 7.66 2.89
N PRO A 233 29.69 6.49 2.21
CA PRO A 233 30.02 5.28 2.95
C PRO A 233 31.43 5.39 3.51
N GLU A 234 31.68 4.64 4.58
CA GLU A 234 32.95 4.72 5.26
C GLU A 234 33.79 3.46 5.03
N ASP A 235 33.51 2.75 3.94
CA ASP A 235 34.14 1.47 3.72
C ASP A 235 34.55 1.26 2.25
N GLY A 236 34.73 2.36 1.51
CA GLY A 236 35.13 2.30 0.11
C GLY A 236 34.06 1.85 -0.90
N SER A 237 32.91 1.38 -0.42
CA SER A 237 31.88 0.91 -1.37
C SER A 237 31.25 2.10 -2.09
N ALA A 238 30.62 1.83 -3.22
CA ALA A 238 29.88 2.87 -3.96
C ALA A 238 28.70 3.45 -3.11
N PRO A 239 28.50 4.79 -3.17
CA PRO A 239 27.29 5.27 -2.55
C PRO A 239 26.02 4.74 -3.27
N TYR A 240 24.95 4.55 -2.50
CA TYR A 240 23.66 4.12 -3.01
C TYR A 240 23.14 5.19 -3.93
N GLY A 241 22.32 4.78 -4.90
CA GLY A 241 21.62 5.73 -5.72
C GLY A 241 20.39 6.24 -5.01
N ALA A 242 20.00 7.49 -5.30
CA ALA A 242 18.79 8.08 -4.74
C ALA A 242 17.67 7.92 -5.75
N ARG A 243 16.46 7.55 -5.32
CA ARG A 243 15.25 7.63 -6.16
C ARG A 243 14.07 8.03 -5.28
N TYR A 244 13.24 8.97 -5.72
CA TYR A 244 12.06 9.32 -4.96
C TYR A 244 10.94 9.83 -5.86
N VAL A 245 9.99 8.96 -6.17
CA VAL A 245 8.92 9.30 -7.08
C VAL A 245 7.92 10.26 -6.41
N GLY A 246 7.59 10.01 -5.14
CA GLY A 246 6.68 10.86 -4.42
C GLY A 246 5.30 10.26 -4.37
N SER A 247 5.16 9.08 -4.99
CA SER A 247 3.99 8.24 -4.83
C SER A 247 4.46 6.98 -4.14
N MET A 248 3.94 6.79 -2.95
CA MET A 248 4.38 5.70 -2.12
C MET A 248 4.27 4.32 -2.79
N VAL A 249 3.19 4.06 -3.54
CA VAL A 249 3.09 2.79 -4.26
C VAL A 249 4.27 2.60 -5.21
N ALA A 250 4.58 3.61 -6.02
CA ALA A 250 5.68 3.54 -6.98
C ALA A 250 7.02 3.28 -6.30
N ASP A 251 7.34 4.09 -5.29
CA ASP A 251 8.55 3.93 -4.52
C ASP A 251 8.62 2.56 -3.82
N VAL A 252 7.50 2.15 -3.22
CA VAL A 252 7.46 0.85 -2.55
C VAL A 252 7.60 -0.32 -3.55
N HIS A 253 6.97 -0.19 -4.72
CA HIS A 253 7.10 -1.25 -5.72
C HIS A 253 8.52 -1.34 -6.27
N ARG A 254 9.14 -0.21 -6.57
CA ARG A 254 10.52 -0.22 -7.01
C ARG A 254 11.38 -0.88 -5.92
N THR A 255 11.08 -0.59 -4.65
CA THR A 255 11.84 -1.18 -3.56
C THR A 255 11.74 -2.72 -3.63
N LEU A 256 10.52 -3.22 -3.81
CA LEU A 256 10.30 -4.65 -3.87
C LEU A 256 11.06 -5.34 -5.02
N VAL A 257 11.03 -4.77 -6.21
CA VAL A 257 11.65 -5.48 -7.32
C VAL A 257 13.13 -5.14 -7.55
N TYR A 258 13.58 -3.95 -7.16
CA TYR A 258 14.99 -3.64 -7.34
C TYR A 258 15.78 -3.92 -6.09
N GLY A 259 15.14 -3.86 -4.93
CA GLY A 259 15.86 -3.88 -3.68
C GLY A 259 16.16 -2.47 -3.19
N GLY A 260 16.60 -2.37 -1.93
CA GLY A 260 16.90 -1.09 -1.32
C GLY A 260 15.99 -0.78 -0.15
N ILE A 261 15.84 0.52 0.11
CA ILE A 261 15.09 0.97 1.28
C ILE A 261 14.20 2.14 0.92
N PHE A 262 13.01 2.21 1.49
CA PHE A 262 12.14 3.37 1.32
C PHE A 262 11.88 3.95 2.70
N LEU A 263 12.00 5.26 2.85
CA LEU A 263 11.81 5.90 4.14
C LEU A 263 10.80 7.06 4.09
N TYR A 264 9.76 6.97 4.93
CA TYR A 264 8.96 8.13 5.30
C TYR A 264 8.86 8.11 6.84
N PRO A 265 9.93 8.58 7.52
CA PRO A 265 9.99 8.54 8.98
C PRO A 265 9.35 9.78 9.60
N ALA A 266 9.24 9.79 10.93
CA ALA A 266 8.84 10.96 11.70
C ALA A 266 9.82 12.10 11.41
N ASN A 267 9.34 13.34 11.43
CA ASN A 267 10.19 14.55 11.45
C ASN A 267 9.49 15.69 12.20
N GLN A 268 10.18 16.81 12.42
CA GLN A 268 9.59 17.94 13.17
C GLN A 268 8.22 18.39 12.70
N LYS A 269 8.06 18.55 11.38
CA LYS A 269 6.76 18.89 10.77
C LYS A 269 5.72 17.80 10.96
N SER A 270 6.13 16.52 10.90
CA SER A 270 5.25 15.36 11.14
C SER A 270 5.72 14.43 12.29
N PRO A 271 5.46 14.81 13.55
CA PRO A 271 6.11 14.20 14.74
C PRO A 271 5.91 12.69 14.90
N LYS A 272 4.87 12.16 14.25
CA LYS A 272 4.49 10.74 14.32
C LYS A 272 4.45 10.10 12.93
N GLY A 273 5.16 10.70 11.98
CA GLY A 273 5.12 10.25 10.59
C GLY A 273 3.94 10.85 9.86
N LYS A 274 3.89 10.66 8.55
CA LYS A 274 2.82 11.25 7.73
C LYS A 274 1.88 10.21 7.08
N LEU A 275 2.38 9.01 6.81
CA LEU A 275 1.59 8.01 6.11
C LEU A 275 0.60 7.34 7.05
N ARG A 276 -0.56 6.98 6.51
CA ARG A 276 -1.64 6.46 7.32
C ARG A 276 -1.47 4.97 7.62
N LEU A 277 -1.55 4.59 8.88
CA LEU A 277 -1.30 3.20 9.30
C LEU A 277 -2.20 2.16 8.64
N LEU A 278 -3.49 2.41 8.66
CA LEU A 278 -4.47 1.41 8.26
C LEU A 278 -4.46 1.06 6.78
N TYR A 279 -4.39 2.06 5.92
CA TYR A 279 -4.66 1.86 4.48
C TYR A 279 -3.50 2.24 3.59
N GLU A 280 -2.35 2.56 4.19
CA GLU A 280 -1.13 2.78 3.43
C GLU A 280 -0.01 1.88 3.97
N CYS A 281 0.37 2.11 5.21
CA CYS A 281 1.47 1.41 5.85
C CYS A 281 1.28 -0.10 6.05
N ASN A 282 0.17 -0.53 6.66
CA ASN A 282 -0.04 -1.96 6.86
C ASN A 282 -0.11 -2.80 5.57
N PRO A 283 -0.82 -2.30 4.55
CA PRO A 283 -0.84 -3.10 3.32
C PRO A 283 0.54 -3.31 2.68
N VAL A 284 1.33 -2.24 2.56
CA VAL A 284 2.68 -2.40 2.01
C VAL A 284 3.63 -3.13 2.98
N ALA A 285 3.47 -2.89 4.28
CA ALA A 285 4.25 -3.63 5.28
C ALA A 285 3.99 -5.11 5.08
N TYR A 286 2.71 -5.46 4.94
CA TYR A 286 2.33 -6.87 4.70
C TYR A 286 3.03 -7.48 3.47
N ILE A 287 3.02 -6.76 2.33
CA ILE A 287 3.65 -7.19 1.07
C ILE A 287 5.15 -7.41 1.25
N ILE A 288 5.82 -6.39 1.78
CA ILE A 288 7.25 -6.47 2.02
C ILE A 288 7.61 -7.62 2.98
N GLU A 289 6.91 -7.76 4.10
CA GLU A 289 7.22 -8.91 4.97
C GLU A 289 7.05 -10.27 4.27
N GLN A 290 5.95 -10.40 3.52
CA GLN A 290 5.67 -11.60 2.71
C GLN A 290 6.78 -11.90 1.68
N ALA A 291 7.48 -10.84 1.28
CA ALA A 291 8.55 -10.93 0.31
C ALA A 291 9.93 -11.05 0.99
N GLY A 292 9.98 -11.29 2.29
CA GLY A 292 11.27 -11.51 2.96
C GLY A 292 11.96 -10.22 3.39
N GLY A 293 11.26 -9.11 3.21
CA GLY A 293 11.78 -7.79 3.60
C GLY A 293 11.32 -7.44 4.99
N LEU A 294 11.61 -6.20 5.39
CA LEU A 294 11.23 -5.71 6.71
C LEU A 294 10.49 -4.39 6.58
N ALA A 295 9.61 -4.08 7.52
CA ALA A 295 8.88 -2.81 7.54
C ALA A 295 8.61 -2.35 8.97
N THR A 296 9.25 -1.26 9.39
CA THR A 296 9.33 -0.86 10.80
C THR A 296 8.87 0.57 11.00
N THR A 297 8.45 0.91 12.20
CA THR A 297 8.19 2.32 12.51
C THR A 297 9.47 2.99 12.99
N GLY A 298 10.50 2.18 13.19
CA GLY A 298 11.71 2.65 13.87
C GLY A 298 11.85 2.00 15.23
N THR A 299 10.75 1.59 15.84
CA THR A 299 10.79 0.96 17.17
C THR A 299 10.16 -0.43 17.21
N GLN A 300 9.22 -0.67 16.30
CA GLN A 300 8.64 -2.02 16.16
C GLN A 300 8.20 -2.23 14.71
N PRO A 301 7.98 -3.51 14.32
CA PRO A 301 7.41 -3.81 13.01
C PRO A 301 6.02 -3.17 12.90
N VAL A 302 5.78 -2.48 11.80
CA VAL A 302 4.52 -1.81 11.52
C VAL A 302 3.30 -2.73 11.72
N LEU A 303 3.41 -3.98 11.29
CA LEU A 303 2.31 -4.92 11.42
C LEU A 303 2.00 -5.29 12.87
N ASP A 304 2.86 -4.90 13.81
CA ASP A 304 2.63 -5.21 15.22
C ASP A 304 2.07 -4.04 16.01
N VAL A 305 1.86 -2.91 15.34
CA VAL A 305 1.29 -1.75 15.98
C VAL A 305 -0.22 -1.95 16.15
N LYS A 306 -0.68 -1.84 17.38
CA LYS A 306 -2.12 -1.82 17.64
C LYS A 306 -2.65 -0.41 17.28
N PRO A 307 -3.48 -0.32 16.21
CA PRO A 307 -4.02 0.97 15.82
C PRO A 307 -5.04 1.38 16.85
N GLU A 308 -5.09 2.67 17.16
CA GLU A 308 -6.07 3.17 18.10
C GLU A 308 -7.10 4.11 17.47
N ALA A 309 -6.91 4.46 16.21
CA ALA A 309 -7.81 5.38 15.49
C ALA A 309 -7.65 5.16 13.99
N ILE A 310 -8.75 5.12 13.26
CA ILE A 310 -8.73 4.70 11.85
C ILE A 310 -7.77 5.51 10.94
N HIS A 311 -7.67 6.81 11.21
CA HIS A 311 -6.80 7.69 10.43
C HIS A 311 -5.44 7.99 11.09
N GLN A 312 -5.03 7.11 12.00
CA GLN A 312 -3.73 7.21 12.68
C GLN A 312 -2.57 7.17 11.69
N ARG A 313 -1.54 7.97 11.95
CA ARG A 313 -0.31 7.99 11.14
C ARG A 313 0.81 7.22 11.84
N VAL A 314 1.81 6.77 11.09
CA VAL A 314 3.03 6.18 11.67
C VAL A 314 4.24 6.44 10.79
N PRO A 315 5.45 6.42 11.38
CA PRO A 315 6.66 6.38 10.54
C PRO A 315 6.78 5.04 9.78
N LEU A 316 7.31 5.10 8.56
CA LEU A 316 7.48 3.89 7.77
C LEU A 316 8.86 3.78 7.17
N ILE A 317 9.54 2.68 7.47
CA ILE A 317 10.84 2.42 6.88
C ILE A 317 10.78 0.97 6.49
N LEU A 318 10.86 0.69 5.19
CA LEU A 318 10.73 -0.69 4.74
C LEU A 318 11.70 -1.02 3.62
N GLY A 319 11.81 -2.31 3.32
CA GLY A 319 12.62 -2.75 2.19
C GLY A 319 13.52 -3.93 2.47
N SER A 320 14.69 -3.96 1.83
CA SER A 320 15.59 -5.09 1.93
C SER A 320 16.00 -5.25 3.39
N PRO A 321 15.94 -6.48 3.93
CA PRO A 321 16.18 -6.71 5.36
C PRO A 321 17.50 -6.11 5.88
N GLU A 322 18.58 -6.35 5.17
CA GLU A 322 19.87 -5.86 5.66
C GLU A 322 19.91 -4.34 5.72
N ASP A 323 19.25 -3.68 4.76
CA ASP A 323 19.16 -2.21 4.73
C ASP A 323 18.35 -1.64 5.92
N VAL A 324 17.20 -2.26 6.18
CA VAL A 324 16.35 -1.87 7.32
C VAL A 324 17.08 -2.16 8.64
N GLN A 325 17.73 -3.33 8.72
CA GLN A 325 18.49 -3.68 9.92
CA GLN A 325 18.48 -3.66 9.92
C GLN A 325 19.51 -2.56 10.22
N GLU A 326 20.25 -2.16 9.20
CA GLU A 326 21.25 -1.09 9.33
C GLU A 326 20.60 0.24 9.73
N TYR A 327 19.41 0.51 9.22
CA TYR A 327 18.69 1.69 9.68
C TYR A 327 18.30 1.59 11.17
N LEU A 328 17.91 0.40 11.61
CA LEU A 328 17.50 0.25 13.00
C LEU A 328 18.67 0.39 13.96
N THR A 329 19.87 0.02 13.49
CA THR A 329 21.11 0.27 14.20
C THR A 329 21.20 1.75 14.49
N CYS A 330 21.14 2.58 13.45
CA CYS A 330 21.16 4.03 13.61
C CYS A 330 20.14 4.50 14.63
N VAL A 331 18.98 3.86 14.69
CA VAL A 331 18.02 4.26 15.68
C VAL A 331 18.52 3.91 17.09
N GLN A 332 18.96 2.66 17.29
CA GLN A 332 19.52 2.23 18.59
C GLN A 332 20.69 3.11 19.05
N LYS A 333 21.68 3.23 18.19
CA LYS A 333 22.84 4.11 18.36
C LYS A 333 22.52 5.61 18.64
N ASN A 334 21.24 6.01 18.65
CA ASN A 334 20.87 7.43 18.80
C ASN A 334 19.77 7.79 19.81
N GLN A 335 19.19 6.81 20.52
CA GLN A 335 17.97 7.10 21.28
C GLN A 335 18.23 7.72 22.64
P PO4 B . -2.43 10.32 -0.92
O1 PO4 B . -3.18 9.09 -1.38
O2 PO4 B . -3.35 11.17 -0.06
O3 PO4 B . -1.26 9.85 -0.09
O4 PO4 B . -1.97 11.13 -2.13
MG MG C . -2.41 7.87 0.12
MG MG D . -5.04 8.58 -1.21
MG MG E . -5.16 12.37 -0.61
CL CL F . 6.75 7.27 -12.24
#